data_7M97
#
_entry.id   7M97
#
_cell.length_a   38.051
_cell.length_b   88.667
_cell.length_c   106.797
_cell.angle_alpha   90.000
_cell.angle_beta   90.000
_cell.angle_gamma   90.000
#
_symmetry.space_group_name_H-M   'I 2 2 2'
#
loop_
_entity.id
_entity.type
_entity.pdbx_description
1 polymer 'Bromodomain protein 1'
2 water water
#
_entity_poly.entity_id   1
_entity_poly.type   'polypeptide(L)'
_entity_poly.pdbx_seq_one_letter_code
;GPLGSNKQWYLLANQLILSLSKYEGGHIFEKLVDAKKQNCPDYYDVIKNPMSFSCIKTKLKKGQYAYPSEFVKDVQLIFD
NCSLYNTSNSVVAITGKNIETYFNNQLIVMGYNNFILKEKKINDMLKLVES
;
_entity_poly.pdbx_strand_id   A
#
# COMPACT_ATOMS: atom_id res chain seq x y z
N ASN A 6 12.51 13.49 6.96
CA ASN A 6 11.55 12.43 7.26
C ASN A 6 10.08 12.87 7.16
N LYS A 7 9.80 14.11 7.56
CA LYS A 7 8.39 14.49 7.70
C LYS A 7 7.72 14.81 6.39
N GLN A 8 8.51 15.24 5.41
CA GLN A 8 7.97 15.59 4.09
C GLN A 8 7.36 14.38 3.40
N TRP A 9 8.02 13.21 3.48
CA TRP A 9 7.52 11.97 2.87
C TRP A 9 6.47 11.35 3.72
N TYR A 10 6.48 11.57 5.02
CA TYR A 10 5.42 11.06 5.86
C TYR A 10 4.13 11.77 5.52
N LEU A 11 4.23 13.05 5.29
CA LEU A 11 3.03 13.79 4.96
C LEU A 11 2.44 13.24 3.67
N LEU A 12 3.29 13.15 2.64
CA LEU A 12 2.87 12.61 1.35
C LEU A 12 2.22 11.24 1.49
N ALA A 13 2.79 10.39 2.34
CA ALA A 13 2.22 9.05 2.53
C ALA A 13 0.84 9.14 3.17
N ASN A 14 0.66 10.04 4.15
CA ASN A 14 -0.65 10.15 4.79
C ASN A 14 -1.70 10.64 3.79
N GLN A 15 -1.34 11.62 2.96
N GLN A 15 -1.36 11.64 2.98
CA GLN A 15 -2.26 12.09 1.92
CA GLN A 15 -2.27 12.07 1.92
C GLN A 15 -2.54 11.01 0.89
C GLN A 15 -2.58 10.91 0.99
N LEU A 16 -1.56 10.15 0.62
CA LEU A 16 -1.75 9.15 -0.41
C LEU A 16 -2.58 7.99 0.10
N ILE A 17 -2.35 7.54 1.34
CA ILE A 17 -3.21 6.52 1.89
C ILE A 17 -4.64 7.02 1.96
N LEU A 18 -4.83 8.31 2.25
CA LEU A 18 -6.17 8.89 2.23
C LEU A 18 -6.75 8.90 0.83
N SER A 19 -5.94 9.25 -0.18
CA SER A 19 -6.41 9.21 -1.55
C SER A 19 -6.86 7.82 -1.94
N LEU A 20 -6.13 6.79 -1.48
CA LEU A 20 -6.52 5.41 -1.79
C LEU A 20 -7.84 5.05 -1.12
N SER A 21 -8.00 5.41 0.16
CA SER A 21 -9.23 5.11 0.87
C SER A 21 -10.45 5.67 0.15
N LYS A 22 -10.33 6.86 -0.41
CA LYS A 22 -11.47 7.50 -1.06
C LYS A 22 -11.60 7.16 -2.55
N TYR A 23 -10.60 6.50 -3.14
CA TYR A 23 -10.67 6.18 -4.56
C TYR A 23 -11.76 5.14 -4.82
N GLU A 24 -12.26 5.12 -6.05
CA GLU A 24 -13.28 4.14 -6.45
C GLU A 24 -12.87 2.72 -6.07
N GLY A 25 -13.77 2.04 -5.35
CA GLY A 25 -13.50 0.69 -4.90
C GLY A 25 -12.56 0.56 -3.74
N GLY A 26 -11.97 1.66 -3.26
CA GLY A 26 -10.94 1.56 -2.24
C GLY A 26 -11.43 0.93 -0.94
N HIS A 27 -12.70 1.14 -0.60
CA HIS A 27 -13.27 0.58 0.62
C HIS A 27 -13.02 -0.92 0.74
N ILE A 28 -12.80 -1.60 -0.38
CA ILE A 28 -12.54 -3.04 -0.38
C ILE A 28 -11.24 -3.36 0.36
N PHE A 29 -10.28 -2.46 0.34
CA PHE A 29 -8.98 -2.70 0.93
C PHE A 29 -8.77 -1.95 2.23
N GLU A 30 -9.81 -1.30 2.75
CA GLU A 30 -9.67 -0.42 3.90
C GLU A 30 -9.39 -1.21 5.18
N LYS A 31 -10.18 -2.25 5.43
CA LYS A 31 -10.06 -3.09 6.61
C LYS A 31 -9.56 -4.47 6.20
N LEU A 32 -9.00 -5.20 7.17
CA LEU A 32 -8.65 -6.59 6.92
C LEU A 32 -9.91 -7.41 6.71
N VAL A 33 -9.82 -8.39 5.81
CA VAL A 33 -10.91 -9.33 5.57
C VAL A 33 -11.29 -10.04 6.86
N ASP A 34 -12.58 -10.03 7.18
CA ASP A 34 -13.13 -10.90 8.21
C ASP A 34 -13.53 -12.19 7.50
N ALA A 35 -12.68 -13.23 7.63
CA ALA A 35 -12.76 -14.39 6.75
C ALA A 35 -14.14 -15.05 6.80
N LYS A 36 -14.70 -15.21 8.01
CA LYS A 36 -16.03 -15.80 8.12
C LYS A 36 -17.11 -14.83 7.63
N LYS A 37 -16.98 -13.54 7.98
CA LYS A 37 -18.05 -12.58 7.74
C LYS A 37 -18.22 -12.27 6.25
N GLN A 38 -17.13 -12.29 5.47
CA GLN A 38 -17.20 -12.02 4.04
C GLN A 38 -17.29 -13.31 3.21
N ASN A 39 -17.53 -14.45 3.87
CA ASN A 39 -17.58 -15.76 3.20
C ASN A 39 -16.29 -16.04 2.43
N CYS A 40 -15.16 -15.75 3.09
CA CYS A 40 -13.82 -15.99 2.54
C CYS A 40 -13.05 -16.91 3.49
N PRO A 41 -13.55 -18.13 3.74
CA PRO A 41 -13.00 -18.94 4.84
C PRO A 41 -11.57 -19.41 4.59
N ASP A 42 -11.10 -19.40 3.35
CA ASP A 42 -9.75 -19.83 3.01
C ASP A 42 -8.77 -18.67 2.93
N TYR A 43 -9.21 -17.44 3.26
CA TYR A 43 -8.43 -16.25 2.91
C TYR A 43 -7.08 -16.24 3.62
N TYR A 44 -7.07 -16.54 4.91
CA TYR A 44 -5.81 -16.48 5.64
C TYR A 44 -5.00 -17.76 5.52
N ASP A 45 -5.56 -18.80 4.91
CA ASP A 45 -4.73 -19.92 4.46
C ASP A 45 -3.96 -19.56 3.20
N VAL A 46 -4.46 -18.57 2.46
CA VAL A 46 -3.79 -18.04 1.28
C VAL A 46 -2.93 -16.82 1.60
N ILE A 47 -3.49 -15.85 2.32
CA ILE A 47 -2.81 -14.59 2.58
C ILE A 47 -2.11 -14.69 3.92
N LYS A 48 -0.78 -14.84 3.88
CA LYS A 48 -0.01 -15.01 5.10
C LYS A 48 0.61 -13.71 5.60
N ASN A 49 0.51 -12.63 4.82
CA ASN A 49 0.99 -11.30 5.19
C ASN A 49 -0.14 -10.32 4.93
N PRO A 50 -1.18 -10.35 5.76
CA PRO A 50 -2.34 -9.49 5.52
C PRO A 50 -2.02 -8.01 5.67
N MET A 51 -2.69 -7.19 4.86
CA MET A 51 -2.47 -5.75 4.91
C MET A 51 -3.72 -5.05 4.41
N SER A 52 -3.97 -3.87 4.97
CA SER A 52 -5.11 -3.04 4.59
C SER A 52 -4.70 -1.59 4.76
N PHE A 53 -5.49 -0.69 4.17
CA PHE A 53 -5.22 0.73 4.31
C PHE A 53 -5.19 1.13 5.78
N SER A 54 -6.06 0.53 6.58
CA SER A 54 -6.15 0.93 7.98
C SER A 54 -4.91 0.49 8.75
N CYS A 55 -4.35 -0.69 8.43
CA CYS A 55 -3.08 -1.10 9.03
C CYS A 55 -2.00 -0.08 8.69
N ILE A 56 -1.97 0.38 7.44
CA ILE A 56 -0.93 1.31 7.02
C ILE A 56 -1.11 2.65 7.72
N LYS A 57 -2.36 3.10 7.89
CA LYS A 57 -2.62 4.33 8.63
C LYS A 57 -2.12 4.23 10.06
N THR A 58 -2.31 3.07 10.70
CA THR A 58 -1.77 2.85 12.04
C THR A 58 -0.25 2.95 12.04
N LYS A 59 0.39 2.30 11.08
CA LYS A 59 1.85 2.39 10.99
C LYS A 59 2.30 3.84 10.85
N LEU A 60 1.59 4.62 10.03
CA LEU A 60 1.92 6.04 9.90
C LEU A 60 1.65 6.75 11.21
N LYS A 61 0.48 6.48 11.81
CA LYS A 61 0.14 7.09 13.09
C LYS A 61 1.21 6.84 14.15
N LYS A 62 1.74 5.62 14.17
CA LYS A 62 2.71 5.21 15.18
C LYS A 62 4.16 5.48 14.78
N GLY A 63 4.39 6.16 13.64
CA GLY A 63 5.74 6.42 13.21
C GLY A 63 6.58 5.18 12.97
N GLN A 64 5.95 4.10 12.50
CA GLN A 64 6.66 2.84 12.34
C GLN A 64 7.38 2.71 11.01
N TYR A 65 7.22 3.65 10.07
CA TYR A 65 8.00 3.62 8.85
C TYR A 65 9.28 4.41 9.04
N ALA A 66 10.42 3.79 8.70
CA ALA A 66 11.70 4.46 8.79
C ALA A 66 12.23 4.94 7.44
N TYR A 67 11.76 4.34 6.35
CA TYR A 67 12.20 4.73 5.02
C TYR A 67 10.97 4.82 4.13
N PRO A 68 10.99 5.74 3.16
CA PRO A 68 9.79 5.92 2.32
C PRO A 68 9.41 4.68 1.53
N SER A 69 10.39 3.84 1.16
CA SER A 69 10.08 2.63 0.41
C SER A 69 9.21 1.68 1.22
N GLU A 70 9.31 1.72 2.55
CA GLU A 70 8.55 0.78 3.38
C GLU A 70 7.06 1.03 3.26
N PHE A 71 6.66 2.30 3.20
CA PHE A 71 5.25 2.61 2.97
C PHE A 71 4.79 2.06 1.64
N VAL A 72 5.60 2.24 0.59
CA VAL A 72 5.20 1.75 -0.72
C VAL A 72 5.10 0.22 -0.70
N LYS A 73 6.06 -0.43 -0.02
CA LYS A 73 6.06 -1.89 0.07
C LYS A 73 4.78 -2.42 0.69
N ASP A 74 4.31 -1.78 1.76
CA ASP A 74 3.06 -2.22 2.38
C ASP A 74 1.85 -1.98 1.47
N VAL A 75 1.80 -0.84 0.78
CA VAL A 75 0.68 -0.63 -0.13
C VAL A 75 0.72 -1.68 -1.24
N GLN A 76 1.91 -1.93 -1.81
CA GLN A 76 2.00 -2.90 -2.88
C GLN A 76 1.61 -4.29 -2.41
N LEU A 77 1.85 -4.58 -1.13
CA LEU A 77 1.43 -5.87 -0.57
C LEU A 77 -0.08 -6.01 -0.62
N ILE A 78 -0.81 -4.92 -0.37
CA ILE A 78 -2.27 -4.97 -0.52
C ILE A 78 -2.63 -5.43 -1.92
N PHE A 79 -1.97 -4.86 -2.93
CA PHE A 79 -2.36 -5.20 -4.30
C PHE A 79 -1.89 -6.59 -4.68
N ASP A 80 -0.72 -6.99 -4.18
CA ASP A 80 -0.23 -8.34 -4.44
C ASP A 80 -1.10 -9.39 -3.77
N ASN A 81 -1.52 -9.16 -2.52
CA ASN A 81 -2.46 -10.09 -1.90
C ASN A 81 -3.77 -10.14 -2.69
N CYS A 82 -4.22 -8.99 -3.18
CA CYS A 82 -5.45 -8.96 -3.95
C CYS A 82 -5.35 -9.83 -5.20
N SER A 83 -4.30 -9.63 -6.00
CA SER A 83 -4.17 -10.42 -7.21
C SER A 83 -3.90 -11.89 -6.90
N LEU A 84 -3.21 -12.19 -5.80
CA LEU A 84 -2.99 -13.58 -5.46
C LEU A 84 -4.30 -14.28 -5.09
N TYR A 85 -5.09 -13.66 -4.21
CA TYR A 85 -6.29 -14.34 -3.73
C TYR A 85 -7.38 -14.37 -4.80
N ASN A 86 -7.55 -13.30 -5.56
CA ASN A 86 -8.70 -13.16 -6.44
C ASN A 86 -8.33 -13.48 -7.88
N THR A 87 -9.20 -14.25 -8.55
CA THR A 87 -8.97 -14.58 -9.94
C THR A 87 -8.96 -13.31 -10.77
N SER A 88 -8.18 -13.32 -11.84
CA SER A 88 -7.92 -12.09 -12.58
C SER A 88 -9.15 -11.52 -13.25
N ASN A 89 -10.19 -12.32 -13.50
CA ASN A 89 -11.39 -11.79 -14.13
C ASN A 89 -12.46 -11.42 -13.11
N SER A 90 -12.12 -11.43 -11.82
CA SER A 90 -13.08 -11.09 -10.78
C SER A 90 -13.16 -9.57 -10.59
N VAL A 91 -14.32 -9.12 -10.09
CA VAL A 91 -14.49 -7.69 -9.80
C VAL A 91 -13.43 -7.19 -8.85
N VAL A 92 -13.13 -7.99 -7.82
CA VAL A 92 -12.15 -7.54 -6.83
C VAL A 92 -10.77 -7.43 -7.46
N ALA A 93 -10.38 -8.40 -8.29
CA ALA A 93 -9.04 -8.31 -8.88
C ALA A 93 -8.93 -7.12 -9.83
N ILE A 94 -9.98 -6.88 -10.61
CA ILE A 94 -9.99 -5.73 -11.52
C ILE A 94 -9.90 -4.42 -10.72
N THR A 95 -10.73 -4.29 -9.69
CA THR A 95 -10.66 -3.14 -8.81
C THR A 95 -9.26 -2.93 -8.23
N GLY A 96 -8.60 -4.01 -7.81
CA GLY A 96 -7.27 -3.88 -7.22
C GLY A 96 -6.23 -3.43 -8.22
N LYS A 97 -6.30 -3.96 -9.45
CA LYS A 97 -5.43 -3.46 -10.52
C LYS A 97 -5.64 -1.98 -10.76
N ASN A 98 -6.90 -1.54 -10.79
CA ASN A 98 -7.19 -0.13 -11.08
C ASN A 98 -6.64 0.78 -9.99
N ILE A 99 -6.76 0.38 -8.73
N ILE A 99 -6.78 0.38 -8.73
CA ILE A 99 -6.25 1.26 -7.67
CA ILE A 99 -6.27 1.18 -7.63
C ILE A 99 -4.75 1.13 -7.56
C ILE A 99 -4.75 1.15 -7.63
N GLU A 100 -4.17 -0.01 -7.98
CA GLU A 100 -2.73 -0.09 -8.09
C GLU A 100 -2.18 0.89 -9.12
N THR A 101 -2.83 0.99 -10.28
CA THR A 101 -2.39 1.98 -11.26
C THR A 101 -2.53 3.39 -10.71
N TYR A 102 -3.66 3.70 -10.06
CA TYR A 102 -3.85 5.00 -9.44
C TYR A 102 -2.72 5.31 -8.46
N PHE A 103 -2.38 4.34 -7.60
CA PHE A 103 -1.34 4.56 -6.60
C PHE A 103 -0.01 4.84 -7.26
N ASN A 104 0.43 3.94 -8.17
CA ASN A 104 1.70 4.14 -8.84
C ASN A 104 1.76 5.46 -9.57
N ASN A 105 0.64 5.92 -10.13
CA ASN A 105 0.65 7.21 -10.79
C ASN A 105 0.66 8.35 -9.79
N GLN A 106 0.04 8.15 -8.63
CA GLN A 106 0.12 9.18 -7.59
C GLN A 106 1.55 9.30 -7.07
N LEU A 107 2.28 8.17 -7.00
CA LEU A 107 3.68 8.23 -6.60
C LEU A 107 4.47 9.15 -7.53
N ILE A 108 4.11 9.15 -8.81
CA ILE A 108 4.75 10.02 -9.79
C ILE A 108 4.31 11.47 -9.57
N VAL A 109 3.00 11.72 -9.65
CA VAL A 109 2.51 13.09 -9.61
C VAL A 109 2.95 13.80 -8.34
N MET A 110 2.81 13.14 -7.18
CA MET A 110 3.22 13.74 -5.92
C MET A 110 4.72 13.83 -5.74
N GLY A 111 5.51 13.17 -6.59
CA GLY A 111 6.95 13.21 -6.41
C GLY A 111 7.45 12.34 -5.29
N TYR A 112 6.65 11.37 -4.84
CA TYR A 112 7.06 10.47 -3.78
C TYR A 112 8.27 9.64 -4.20
N ASN A 113 8.34 9.27 -5.47
CA ASN A 113 9.45 8.46 -5.94
C ASN A 113 10.78 9.18 -5.78
N ASN A 114 10.77 10.52 -5.77
CA ASN A 114 11.99 11.27 -5.51
C ASN A 114 12.54 10.96 -4.12
N PHE A 115 11.67 10.83 -3.13
CA PHE A 115 12.14 10.47 -1.80
C PHE A 115 12.75 9.08 -1.79
N ILE A 116 12.18 8.15 -2.56
CA ILE A 116 12.72 6.79 -2.58
C ILE A 116 14.10 6.78 -3.25
N LEU A 117 14.27 7.56 -4.32
CA LEU A 117 15.56 7.61 -4.97
C LEU A 117 16.60 8.33 -4.10
N LYS A 118 16.16 9.30 -3.30
CA LYS A 118 17.07 9.95 -2.37
C LYS A 118 17.51 8.98 -1.28
N GLU A 119 16.56 8.25 -0.70
CA GLU A 119 16.80 7.08 0.14
C GLU A 119 17.95 6.22 -0.38
N LYS A 120 17.87 5.78 -1.64
CA LYS A 120 18.87 4.86 -2.17
C LYS A 120 20.26 5.49 -2.22
N LYS A 121 20.37 6.68 -2.82
CA LYS A 121 21.69 7.30 -2.94
C LYS A 121 22.30 7.56 -1.57
N ILE A 122 21.49 7.94 -0.59
CA ILE A 122 21.99 8.11 0.77
C ILE A 122 22.51 6.79 1.34
N ASN A 123 21.70 5.74 1.24
CA ASN A 123 22.12 4.43 1.70
C ASN A 123 23.41 4.02 1.00
N ASP A 124 23.51 4.30 -0.29
CA ASP A 124 24.70 3.92 -1.05
C ASP A 124 25.92 4.72 -0.62
N MET A 125 25.77 5.95 -0.18
CA MET A 125 27.01 6.64 0.15
C MET A 125 27.53 6.22 1.53
N LEU A 126 26.63 6.05 2.49
CA LEU A 126 26.97 5.43 3.77
C LEU A 126 27.88 4.24 3.57
N LYS A 127 27.45 3.31 2.70
CA LYS A 127 28.26 2.15 2.35
C LYS A 127 29.66 2.56 1.94
N LEU A 128 29.78 3.64 1.19
CA LEU A 128 31.08 4.14 0.73
C LEU A 128 31.69 5.13 1.71
N VAL A 129 31.58 4.85 3.01
CA VAL A 129 32.29 5.61 4.03
C VAL A 129 32.87 4.63 5.03
#